data_3TSM
#
_entry.id   3TSM
#
_cell.length_a   71.800
_cell.length_b   73.290
_cell.length_c   118.940
_cell.angle_alpha   90.00
_cell.angle_beta   90.00
_cell.angle_gamma   90.00
#
_symmetry.space_group_name_H-M   'P 21 21 21'
#
loop_
_entity.id
_entity.type
_entity.pdbx_description
1 polymer 'Indole-3-glycerol phosphate synthase'
2 non-polymer GLYCEROL
3 non-polymer 'SULFATE ION'
4 non-polymer 'UNKNOWN LIGAND'
5 water water
#
_entity_poly.entity_id   1
_entity_poly.type   'polypeptide(L)'
_entity_poly.pdbx_seq_one_letter_code
;GPGSMSTDILRKIEAYKREEIAAAKARLALDELKARTRDQSAPRGFLKALEAKRAAGQFALIAEIKKASPSKGLIRPDFD
PPALAKAYEEGGAACLSVLTDTPSFQGAPEFLTAARQACSLPALRKDFLFDPYQVYEARSWGADCILIIMASVDDDLAKE
LEDTAFALGMDALIEVHDEAEMERALKLSSRLLGVNNRNLRSFEVNLAVSERLAKMAPSDRLLVGESGIFTHEDCLRLEK
SGIGTFLIGESLMRQHDVAAATRALLTGAEKL
;
_entity_poly.pdbx_strand_id   A,B
#
loop_
_chem_comp.id
_chem_comp.type
_chem_comp.name
_chem_comp.formula
GOL non-polymer GLYCEROL 'C3 H8 O3'
SO4 non-polymer 'SULFATE ION' 'O4 S -2'
UNL non-polymer 'UNKNOWN LIGAND' ?
#
# COMPACT_ATOMS: atom_id res chain seq x y z
N ASP A 8 13.17 15.43 -19.03
CA ASP A 8 13.03 15.87 -17.60
C ASP A 8 13.06 14.67 -16.64
N ILE A 9 14.26 14.12 -16.50
CA ILE A 9 14.47 12.79 -15.95
C ILE A 9 13.93 12.64 -14.50
N LEU A 10 13.97 13.72 -13.71
CA LEU A 10 13.52 13.67 -12.31
C LEU A 10 12.01 13.44 -12.17
N ARG A 11 11.23 14.12 -13.02
CA ARG A 11 9.79 13.95 -13.08
C ARG A 11 9.40 12.51 -13.52
N LYS A 12 10.13 11.95 -14.50
CA LYS A 12 9.94 10.57 -14.99
C LYS A 12 10.28 9.53 -13.90
N ILE A 13 11.39 9.75 -13.18
CA ILE A 13 11.77 8.86 -12.09
C ILE A 13 10.70 8.93 -11.00
N GLU A 14 10.27 10.12 -10.63
CA GLU A 14 9.29 10.27 -9.55
C GLU A 14 8.00 9.48 -9.83
N ALA A 15 7.54 9.58 -11.07
CA ALA A 15 6.31 8.96 -11.50
C ALA A 15 6.39 7.43 -11.33
N TYR A 16 7.44 6.78 -11.85
CA TYR A 16 7.56 5.34 -11.63
C TYR A 16 7.90 4.97 -10.17
N LYS A 17 8.69 5.81 -9.50
CA LYS A 17 9.05 5.51 -8.13
C LYS A 17 7.84 5.51 -7.21
N ARG A 18 6.92 6.44 -7.41
CA ARG A 18 5.68 6.43 -6.64
C ARG A 18 4.84 5.15 -6.88
N GLU A 19 4.83 4.63 -8.10
CA GLU A 19 4.16 3.37 -8.40
C GLU A 19 4.85 2.20 -7.70
N GLU A 20 6.18 2.17 -7.68
CA GLU A 20 6.91 1.12 -6.96
C GLU A 20 6.62 1.13 -5.46
N ILE A 21 6.51 2.33 -4.87
CA ILE A 21 6.27 2.47 -3.46
C ILE A 21 4.87 1.92 -3.17
N ALA A 22 3.88 2.28 -3.99
CA ALA A 22 2.50 1.80 -3.83
C ALA A 22 2.44 0.27 -3.93
N ALA A 23 3.11 -0.28 -4.93
CA ALA A 23 3.16 -1.73 -5.17
C ALA A 23 3.83 -2.44 -3.99
N ALA A 24 4.90 -1.85 -3.43
CA ALA A 24 5.64 -2.44 -2.31
C ALA A 24 4.76 -2.53 -1.07
N LYS A 25 4.06 -1.44 -0.76
CA LYS A 25 3.17 -1.46 0.38
C LYS A 25 2.07 -2.50 0.18
N ALA A 26 1.51 -2.58 -1.04
CA ALA A 26 0.35 -3.48 -1.30
C ALA A 26 0.76 -4.94 -1.12
N ARG A 27 2.00 -5.22 -1.53
CA ARG A 27 2.56 -6.55 -1.48
CA ARG A 27 2.59 -6.56 -1.48
C ARG A 27 2.71 -7.03 -0.03
N LEU A 28 3.32 -6.20 0.82
CA LEU A 28 3.52 -6.59 2.21
C LEU A 28 2.18 -6.66 2.95
N ALA A 29 1.25 -5.76 2.63
CA ALA A 29 -0.08 -5.81 3.24
C ALA A 29 -0.81 -7.10 2.85
N LEU A 30 -0.77 -7.47 1.57
CA LEU A 30 -1.47 -8.68 1.13
C LEU A 30 -0.82 -9.93 1.76
N ASP A 31 0.50 -9.92 1.91
CA ASP A 31 1.19 -11.05 2.59
C ASP A 31 0.68 -11.24 3.99
N GLU A 32 0.45 -10.12 4.70
CA GLU A 32 -0.07 -10.20 6.06
C GLU A 32 -1.52 -10.74 6.06
N LEU A 33 -2.35 -10.21 5.18
CA LEU A 33 -3.75 -10.72 5.07
C LEU A 33 -3.80 -12.20 4.67
N LYS A 34 -2.91 -12.62 3.77
CA LYS A 34 -2.82 -14.05 3.44
C LYS A 34 -2.57 -14.88 4.68
N ALA A 35 -1.62 -14.45 5.53
CA ALA A 35 -1.34 -15.18 6.80
C ALA A 35 -2.60 -15.25 7.67
N ARG A 36 -3.28 -14.13 7.77
CA ARG A 36 -4.49 -14.07 8.57
C ARG A 36 -5.63 -14.95 7.99
N THR A 37 -5.79 -14.96 6.67
CA THR A 37 -6.81 -15.86 6.08
C THR A 37 -6.49 -17.32 6.36
N ARG A 38 -5.22 -17.72 6.37
CA ARG A 38 -4.89 -19.14 6.65
C ARG A 38 -5.17 -19.51 8.09
N ASP A 39 -5.23 -18.54 9.01
CA ASP A 39 -5.58 -18.84 10.39
C ASP A 39 -7.06 -18.72 10.69
N GLN A 40 -7.91 -18.39 9.71
CA GLN A 40 -9.36 -18.43 9.94
C GLN A 40 -9.95 -19.82 9.71
N SER A 41 -10.99 -20.14 10.45
CA SER A 41 -11.76 -21.33 10.13
C SER A 41 -12.53 -21.11 8.82
N ALA A 42 -12.92 -22.22 8.20
CA ALA A 42 -13.59 -22.23 6.90
C ALA A 42 -14.88 -21.40 6.87
N PRO A 43 -15.22 -20.85 5.71
CA PRO A 43 -16.48 -20.17 5.59
C PRO A 43 -17.69 -21.04 5.97
N ARG A 44 -18.72 -20.42 6.52
CA ARG A 44 -19.92 -21.13 6.95
C ARG A 44 -20.88 -21.56 5.85
N GLY A 45 -20.77 -21.01 4.65
CA GLY A 45 -21.66 -21.43 3.58
C GLY A 45 -22.88 -20.55 3.49
N PHE A 46 -22.67 -19.35 2.94
CA PHE A 46 -23.71 -18.30 2.87
C PHE A 46 -24.82 -18.70 1.89
N LEU A 47 -24.45 -18.97 0.63
CA LEU A 47 -25.43 -19.43 -0.37
C LEU A 47 -26.14 -20.70 0.06
N LYS A 48 -25.37 -21.65 0.54
CA LYS A 48 -25.88 -22.97 0.90
C LYS A 48 -26.93 -22.84 2.00
N ALA A 49 -26.74 -21.90 2.94
CA ALA A 49 -27.75 -21.63 3.99
C ALA A 49 -29.06 -21.10 3.42
N LEU A 50 -28.96 -20.17 2.47
CA LEU A 50 -30.13 -19.60 1.86
C LEU A 50 -30.91 -20.69 1.09
N GLU A 51 -30.19 -21.53 0.34
CA GLU A 51 -30.83 -22.57 -0.48
C GLU A 51 -31.54 -23.58 0.38
N ALA A 52 -30.95 -23.91 1.53
CA ALA A 52 -31.58 -24.81 2.52
C ALA A 52 -32.88 -24.23 3.07
N LYS A 53 -32.93 -22.91 3.35
CA LYS A 53 -34.23 -22.30 3.74
C LYS A 53 -35.29 -22.42 2.63
N ARG A 54 -34.92 -22.07 1.40
CA ARG A 54 -35.84 -22.16 0.29
C ARG A 54 -36.27 -23.63 -0.01
N ALA A 55 -35.34 -24.57 0.05
CA ALA A 55 -35.71 -25.97 -0.06
C ALA A 55 -36.75 -26.37 1.01
N ALA A 56 -36.65 -25.86 2.23
CA ALA A 56 -37.65 -26.14 3.26
C ALA A 56 -38.97 -25.38 3.07
N GLY A 57 -39.11 -24.61 1.96
CA GLY A 57 -40.32 -23.82 1.71
C GLY A 57 -40.48 -22.65 2.66
N GLN A 58 -39.36 -22.09 3.14
CA GLN A 58 -39.38 -20.89 3.99
C GLN A 58 -38.70 -19.71 3.30
N PHE A 59 -39.09 -18.50 3.69
CA PHE A 59 -38.43 -17.31 3.19
C PHE A 59 -37.03 -17.22 3.76
N ALA A 60 -36.08 -16.79 2.93
CA ALA A 60 -34.68 -16.75 3.35
C ALA A 60 -34.31 -15.28 3.57
N LEU A 61 -34.05 -14.92 4.83
CA LEU A 61 -33.67 -13.56 5.18
C LEU A 61 -32.17 -13.37 5.41
N ILE A 62 -31.59 -12.39 4.71
CA ILE A 62 -30.27 -11.88 5.03
C ILE A 62 -30.52 -10.66 5.92
N ALA A 63 -30.28 -10.79 7.22
CA ALA A 63 -30.69 -9.77 8.20
C ALA A 63 -29.53 -8.81 8.45
N GLU A 64 -29.78 -7.52 8.28
CA GLU A 64 -28.70 -6.52 8.18
C GLU A 64 -28.53 -5.70 9.44
N ILE A 65 -27.26 -5.60 9.85
CA ILE A 65 -26.85 -4.85 11.01
C ILE A 65 -26.22 -3.56 10.50
N LYS A 66 -26.96 -2.45 10.68
CA LYS A 66 -26.59 -1.16 10.14
C LYS A 66 -26.77 -0.10 11.22
N LYS A 67 -25.70 0.63 11.55
CA LYS A 67 -25.73 1.58 12.68
C LYS A 67 -26.34 2.94 12.35
N ALA A 68 -26.09 3.40 11.13
CA ALA A 68 -26.62 4.66 10.67
C ALA A 68 -26.81 4.62 9.17
N SER A 69 -27.62 5.58 8.77
CA SER A 69 -28.05 5.79 7.44
C SER A 69 -27.47 7.12 7.08
N PRO A 70 -26.96 7.27 5.85
CA PRO A 70 -26.71 8.63 5.38
C PRO A 70 -28.08 9.19 4.95
N SER A 71 -28.50 10.31 5.54
CA SER A 71 -29.83 10.89 5.27
C SER A 71 -30.67 10.88 6.54
N LYS A 72 -30.69 9.74 7.22
CA LYS A 72 -31.59 9.50 8.35
C LYS A 72 -30.89 9.39 9.72
N GLY A 73 -29.56 9.36 9.75
CA GLY A 73 -28.82 9.39 11.03
C GLY A 73 -28.83 8.07 11.77
N LEU A 74 -28.62 8.11 13.08
CA LEU A 74 -28.45 6.89 13.87
C LEU A 74 -29.75 6.09 13.84
N ILE A 75 -29.69 4.82 13.42
CA ILE A 75 -30.88 3.94 13.27
C ILE A 75 -31.47 3.52 14.62
N ARG A 76 -30.62 3.07 15.53
CA ARG A 76 -31.09 2.47 16.76
C ARG A 76 -30.28 3.02 17.91
N PRO A 77 -30.95 3.75 18.86
CA PRO A 77 -30.21 4.41 19.96
C PRO A 77 -29.22 3.48 20.65
N ASP A 78 -29.65 2.27 20.92
CA ASP A 78 -28.77 1.27 21.49
C ASP A 78 -28.32 0.34 20.37
N PHE A 79 -27.04 0.40 20.00
CA PHE A 79 -26.47 -0.38 18.88
C PHE A 79 -25.49 -1.43 19.39
N ASP A 80 -25.87 -2.70 19.28
CA ASP A 80 -25.11 -3.81 19.86
C ASP A 80 -25.02 -4.98 18.86
N PRO A 81 -23.97 -5.01 18.01
CA PRO A 81 -23.93 -6.02 16.97
C PRO A 81 -24.12 -7.48 17.42
N PRO A 82 -23.48 -7.88 18.53
CA PRO A 82 -23.67 -9.28 18.96
C PRO A 82 -25.11 -9.57 19.39
N ALA A 83 -25.74 -8.64 20.09
CA ALA A 83 -27.14 -8.83 20.55
C ALA A 83 -28.09 -8.86 19.35
N LEU A 84 -27.80 -8.02 18.36
CA LEU A 84 -28.61 -7.98 17.16
C LEU A 84 -28.48 -9.28 16.37
N ALA A 85 -27.27 -9.80 16.28
CA ALA A 85 -27.04 -11.06 15.61
C ALA A 85 -27.87 -12.17 16.27
N LYS A 86 -27.83 -12.24 17.60
CA LYS A 86 -28.56 -13.26 18.32
C LYS A 86 -30.06 -13.13 18.09
N ALA A 87 -30.56 -11.89 18.10
CA ALA A 87 -31.99 -11.67 17.96
C ALA A 87 -32.44 -12.02 16.54
N TYR A 88 -31.58 -11.76 15.56
CA TYR A 88 -31.94 -12.09 14.20
C TYR A 88 -31.95 -13.61 14.03
N GLU A 89 -30.96 -14.31 14.59
CA GLU A 89 -30.97 -15.76 14.53
C GLU A 89 -32.25 -16.32 15.20
N GLU A 90 -32.58 -15.80 16.38
CA GLU A 90 -33.75 -16.25 17.12
C GLU A 90 -35.02 -16.08 16.32
N GLY A 91 -35.13 -14.99 15.57
CA GLY A 91 -36.32 -14.72 14.76
C GLY A 91 -36.39 -15.49 13.46
N GLY A 92 -35.35 -16.27 13.13
CA GLY A 92 -35.37 -17.11 11.92
C GLY A 92 -34.52 -16.65 10.72
N ALA A 93 -33.72 -15.59 10.89
CA ALA A 93 -32.80 -15.15 9.80
C ALA A 93 -31.92 -16.31 9.31
N ALA A 94 -31.65 -16.37 8.01
CA ALA A 94 -30.79 -17.46 7.48
C ALA A 94 -29.33 -17.01 7.50
N CYS A 95 -29.08 -15.72 7.26
CA CYS A 95 -27.72 -15.16 7.21
C CYS A 95 -27.74 -13.71 7.72
N LEU A 96 -26.56 -13.14 7.93
CA LEU A 96 -26.39 -11.75 8.37
C LEU A 96 -25.73 -10.92 7.28
N SER A 97 -26.02 -9.62 7.28
CA SER A 97 -25.26 -8.63 6.51
C SER A 97 -24.77 -7.63 7.53
N VAL A 98 -23.49 -7.31 7.52
CA VAL A 98 -22.99 -6.32 8.49
C VAL A 98 -22.28 -5.21 7.75
N LEU A 99 -22.71 -3.97 7.95
CA LEU A 99 -22.06 -2.84 7.30
C LEU A 99 -20.68 -2.61 7.96
N THR A 100 -19.64 -2.59 7.15
CA THR A 100 -18.30 -2.34 7.66
C THR A 100 -17.77 -0.98 7.21
N ASP A 101 -18.52 -0.28 6.38
CA ASP A 101 -18.19 1.11 5.98
C ASP A 101 -18.43 2.06 7.12
N THR A 102 -17.44 2.92 7.36
CA THR A 102 -17.50 3.85 8.50
C THR A 102 -18.04 5.25 8.16
N PRO A 103 -17.45 5.93 7.16
CA PRO A 103 -17.89 7.31 6.89
C PRO A 103 -19.36 7.46 6.52
N SER A 104 -19.97 6.53 5.81
CA SER A 104 -21.36 6.71 5.41
C SER A 104 -22.35 6.04 6.36
N PHE A 105 -21.98 4.89 6.92
CA PHE A 105 -22.93 4.04 7.66
C PHE A 105 -22.58 3.84 9.14
N GLN A 106 -21.43 4.38 9.54
CA GLN A 106 -20.89 4.22 10.88
C GLN A 106 -20.78 2.75 11.26
N GLY A 107 -20.52 1.89 10.27
CA GLY A 107 -20.08 0.54 10.55
C GLY A 107 -18.58 0.48 10.82
N ALA A 108 -18.10 -0.73 11.08
CA ALA A 108 -16.69 -0.96 11.33
C ALA A 108 -16.43 -2.42 11.04
N PRO A 109 -15.21 -2.73 10.58
CA PRO A 109 -14.81 -4.12 10.37
C PRO A 109 -15.10 -4.99 11.60
N GLU A 110 -14.82 -4.46 12.80
CA GLU A 110 -14.97 -5.30 14.00
C GLU A 110 -16.44 -5.70 14.23
N PHE A 111 -17.40 -4.90 13.74
CA PHE A 111 -18.82 -5.28 13.92
C PHE A 111 -19.15 -6.60 13.21
N LEU A 112 -18.54 -6.82 12.05
CA LEU A 112 -18.71 -8.09 11.30
C LEU A 112 -18.24 -9.27 12.11
N THR A 113 -17.02 -9.17 12.64
CA THR A 113 -16.40 -10.25 13.39
C THR A 113 -17.20 -10.51 14.68
N ALA A 114 -17.54 -9.46 15.41
CA ALA A 114 -18.29 -9.62 16.67
C ALA A 114 -19.68 -10.24 16.43
N ALA A 115 -20.43 -9.71 15.46
CA ALA A 115 -21.76 -10.26 15.13
C ALA A 115 -21.67 -11.73 14.76
N ARG A 116 -20.70 -12.07 13.93
CA ARG A 116 -20.53 -13.45 13.49
C ARG A 116 -20.18 -14.42 14.64
N GLN A 117 -19.29 -14.01 15.55
CA GLN A 117 -18.92 -14.80 16.71
C GLN A 117 -20.12 -15.01 17.66
N ALA A 118 -21.08 -14.09 17.65
CA ALA A 118 -22.24 -14.16 18.56
C ALA A 118 -23.36 -15.12 18.13
N CYS A 119 -23.29 -15.64 16.91
CA CYS A 119 -24.35 -16.57 16.43
C CYS A 119 -23.70 -17.62 15.53
N SER A 120 -24.50 -18.47 14.91
CA SER A 120 -23.98 -19.48 14.00
C SER A 120 -24.33 -19.23 12.53
N LEU A 121 -24.79 -18.03 12.20
CA LEU A 121 -25.18 -17.72 10.82
C LEU A 121 -23.98 -17.30 9.93
N PRO A 122 -24.02 -17.65 8.64
CA PRO A 122 -23.08 -17.03 7.72
C PRO A 122 -23.27 -15.52 7.63
N ALA A 123 -22.21 -14.79 7.31
CA ALA A 123 -22.24 -13.32 7.33
C ALA A 123 -21.56 -12.70 6.11
N LEU A 124 -22.24 -11.73 5.54
CA LEU A 124 -21.79 -10.94 4.41
C LEU A 124 -21.11 -9.65 4.89
N ARG A 125 -19.93 -9.33 4.31
CA ARG A 125 -19.34 -8.01 4.43
C ARG A 125 -20.09 -7.05 3.53
N LYS A 126 -20.85 -6.11 4.12
CA LYS A 126 -21.58 -5.12 3.35
C LYS A 126 -20.77 -3.84 3.28
N ASP A 127 -20.19 -3.58 2.11
CA ASP A 127 -19.26 -2.45 1.94
C ASP A 127 -19.02 -2.24 0.44
N PHE A 128 -18.30 -1.18 0.10
CA PHE A 128 -17.98 -0.84 -1.31
C PHE A 128 -16.59 -1.38 -1.65
N LEU A 129 -16.59 -2.37 -2.50
CA LEU A 129 -15.38 -3.07 -2.92
C LEU A 129 -14.91 -2.58 -4.30
N PHE A 130 -13.65 -2.15 -4.36
CA PHE A 130 -13.01 -1.72 -5.59
C PHE A 130 -11.71 -2.49 -5.87
N ASP A 131 -11.35 -3.46 -5.02
CA ASP A 131 -10.00 -3.98 -5.04
C ASP A 131 -10.02 -5.35 -4.40
N PRO A 132 -9.45 -6.36 -5.06
CA PRO A 132 -9.37 -7.68 -4.49
C PRO A 132 -8.69 -7.75 -3.11
N TYR A 133 -7.80 -6.80 -2.81
CA TYR A 133 -7.26 -6.68 -1.45
C TYR A 133 -8.36 -6.71 -0.38
N GLN A 134 -9.51 -6.10 -0.71
CA GLN A 134 -10.64 -6.03 0.21
C GLN A 134 -11.40 -7.33 0.42
N VAL A 135 -11.28 -8.23 -0.56
CA VAL A 135 -11.83 -9.57 -0.44
C VAL A 135 -11.01 -10.39 0.57
N TYR A 136 -9.67 -10.29 0.49
CA TYR A 136 -8.79 -10.83 1.54
C TYR A 136 -9.14 -10.26 2.90
N GLU A 137 -9.38 -8.95 2.97
CA GLU A 137 -9.77 -8.31 4.24
C GLU A 137 -11.00 -8.99 4.80
N ALA A 138 -12.01 -9.08 3.95
CA ALA A 138 -13.29 -9.65 4.34
C ALA A 138 -13.08 -11.05 4.96
N ARG A 139 -12.37 -11.91 4.25
CA ARG A 139 -12.10 -13.27 4.75
C ARG A 139 -11.32 -13.24 6.07
N SER A 140 -10.35 -12.33 6.18
CA SER A 140 -9.58 -12.22 7.44
C SER A 140 -10.46 -11.80 8.64
N TRP A 141 -11.57 -11.11 8.36
CA TRP A 141 -12.49 -10.67 9.41
C TRP A 141 -13.54 -11.69 9.69
N GLY A 142 -13.54 -12.78 8.92
CA GLY A 142 -14.47 -13.89 9.09
C GLY A 142 -15.60 -13.98 8.07
N ALA A 143 -15.62 -13.08 7.09
CA ALA A 143 -16.74 -12.97 6.16
C ALA A 143 -16.94 -14.28 5.44
N ASP A 144 -18.21 -14.60 5.16
CA ASP A 144 -18.58 -15.80 4.39
C ASP A 144 -19.02 -15.43 2.97
N CYS A 145 -19.25 -14.14 2.74
CA CYS A 145 -19.73 -13.62 1.44
C CYS A 145 -19.28 -12.19 1.28
N ILE A 146 -19.06 -11.76 0.05
CA ILE A 146 -18.78 -10.35 -0.27
C ILE A 146 -19.86 -9.74 -1.15
N LEU A 147 -19.79 -8.43 -1.32
CA LEU A 147 -20.70 -7.68 -2.15
C LEU A 147 -19.96 -7.07 -3.33
N ILE A 148 -20.50 -7.29 -4.53
CA ILE A 148 -20.04 -6.66 -5.76
C ILE A 148 -21.17 -5.78 -6.28
N ILE A 149 -20.90 -4.48 -6.44
CA ILE A 149 -21.93 -3.54 -6.92
C ILE A 149 -21.71 -3.22 -8.40
N MET A 150 -22.60 -3.70 -9.27
CA MET A 150 -22.44 -3.49 -10.71
C MET A 150 -22.43 -2.03 -11.12
N ALA A 151 -23.13 -1.15 -10.39
CA ALA A 151 -23.06 0.32 -10.67
C ALA A 151 -21.70 0.94 -10.40
N SER A 152 -20.85 0.27 -9.61
CA SER A 152 -19.58 0.85 -9.13
C SER A 152 -18.33 0.34 -9.82
N VAL A 153 -18.36 -0.86 -10.41
CA VAL A 153 -17.15 -1.52 -10.94
C VAL A 153 -17.40 -2.01 -12.37
N ASP A 154 -16.36 -2.03 -13.22
CA ASP A 154 -16.49 -2.56 -14.59
C ASP A 154 -16.42 -4.08 -14.60
N ASP A 155 -16.55 -4.65 -15.80
CA ASP A 155 -16.69 -6.10 -15.95
C ASP A 155 -15.44 -6.87 -15.50
N ASP A 156 -14.27 -6.33 -15.85
CA ASP A 156 -13.00 -6.96 -15.46
C ASP A 156 -12.86 -7.01 -13.97
N LEU A 157 -13.14 -5.88 -13.30
CA LEU A 157 -12.99 -5.79 -11.86
C LEU A 157 -14.04 -6.69 -11.15
N ALA A 158 -15.28 -6.71 -11.65
CA ALA A 158 -16.30 -7.62 -11.07
C ALA A 158 -15.82 -9.07 -11.11
N LYS A 159 -15.31 -9.51 -12.26
CA LYS A 159 -14.81 -10.88 -12.39
CA LYS A 159 -14.82 -10.88 -12.39
C LYS A 159 -13.65 -11.15 -11.42
N GLU A 160 -12.72 -10.20 -11.34
CA GLU A 160 -11.60 -10.37 -10.42
C GLU A 160 -12.08 -10.45 -8.96
N LEU A 161 -13.00 -9.58 -8.57
CA LEU A 161 -13.58 -9.66 -7.22
C LEU A 161 -14.25 -11.03 -6.94
N GLU A 162 -15.02 -11.52 -7.90
CA GLU A 162 -15.75 -12.78 -7.75
C GLU A 162 -14.76 -13.95 -7.70
N ASP A 163 -13.75 -13.91 -8.56
CA ASP A 163 -12.74 -15.00 -8.61
C ASP A 163 -11.94 -15.06 -7.31
N THR A 164 -11.62 -13.90 -6.77
CA THR A 164 -10.90 -13.88 -5.51
C THR A 164 -11.75 -14.43 -4.37
N ALA A 165 -13.01 -14.05 -4.34
CA ALA A 165 -13.93 -14.58 -3.32
C ALA A 165 -14.01 -16.13 -3.42
N PHE A 166 -14.22 -16.66 -4.64
CA PHE A 166 -14.29 -18.10 -4.82
C PHE A 166 -12.97 -18.82 -4.42
N ALA A 167 -11.82 -18.24 -4.77
CA ALA A 167 -10.52 -18.80 -4.39
C ALA A 167 -10.38 -18.86 -2.85
N LEU A 168 -11.03 -17.96 -2.15
CA LEU A 168 -10.96 -17.97 -0.68
C LEU A 168 -12.14 -18.71 -0.02
N GLY A 169 -12.97 -19.37 -0.80
CA GLY A 169 -14.06 -20.19 -0.26
C GLY A 169 -15.34 -19.43 0.07
N MET A 170 -15.43 -18.17 -0.36
CA MET A 170 -16.59 -17.32 -0.06
C MET A 170 -17.53 -17.16 -1.26
N ASP A 171 -18.77 -16.78 -0.96
CA ASP A 171 -19.77 -16.46 -1.98
C ASP A 171 -19.67 -14.97 -2.30
N ALA A 172 -20.45 -14.53 -3.27
CA ALA A 172 -20.42 -13.15 -3.76
C ALA A 172 -21.88 -12.79 -4.13
N LEU A 173 -22.44 -11.77 -3.47
CA LEU A 173 -23.76 -11.23 -3.78
C LEU A 173 -23.58 -10.10 -4.78
N ILE A 174 -24.19 -10.26 -5.96
CA ILE A 174 -24.02 -9.29 -7.06
C ILE A 174 -25.23 -8.34 -7.08
N GLU A 175 -25.00 -7.08 -6.73
CA GLU A 175 -26.07 -6.10 -6.61
C GLU A 175 -26.37 -5.38 -7.94
N VAL A 176 -27.64 -5.46 -8.38
CA VAL A 176 -28.06 -4.87 -9.66
C VAL A 176 -29.32 -4.00 -9.47
N HIS A 177 -29.37 -2.92 -10.23
CA HIS A 177 -30.43 -1.93 -10.14
C HIS A 177 -31.24 -1.75 -11.42
N ASP A 178 -30.76 -2.27 -12.56
CA ASP A 178 -31.47 -2.09 -13.82
C ASP A 178 -31.11 -3.20 -14.79
N GLU A 179 -31.64 -3.11 -16.02
CA GLU A 179 -31.48 -4.17 -17.02
C GLU A 179 -30.07 -4.30 -17.51
N ALA A 180 -29.43 -3.18 -17.81
CA ALA A 180 -28.02 -3.21 -18.28
C ALA A 180 -27.18 -3.88 -17.20
N GLU A 181 -27.38 -3.50 -15.94
CA GLU A 181 -26.62 -4.13 -14.85
C GLU A 181 -26.89 -5.63 -14.71
N MET A 182 -28.17 -6.00 -14.89
CA MET A 182 -28.54 -7.40 -14.85
C MET A 182 -27.81 -8.20 -15.96
N GLU A 183 -27.78 -7.66 -17.16
CA GLU A 183 -27.12 -8.33 -18.27
C GLU A 183 -25.61 -8.49 -17.99
N ARG A 184 -25.01 -7.49 -17.37
CA ARG A 184 -23.62 -7.58 -17.00
C ARG A 184 -23.43 -8.61 -15.88
N ALA A 185 -24.36 -8.66 -14.94
CA ALA A 185 -24.24 -9.61 -13.83
C ALA A 185 -24.30 -11.06 -14.29
N LEU A 186 -25.08 -11.32 -15.34
CA LEU A 186 -25.23 -12.67 -15.89
C LEU A 186 -23.97 -13.14 -16.64
N LYS A 187 -22.98 -12.28 -16.87
CA LYS A 187 -21.66 -12.76 -17.32
C LYS A 187 -20.83 -13.42 -16.21
N LEU A 188 -21.18 -13.17 -14.95
CA LEU A 188 -20.45 -13.74 -13.82
C LEU A 188 -21.02 -15.08 -13.49
N SER A 189 -20.35 -15.84 -12.63
CA SER A 189 -20.79 -17.16 -12.23
C SER A 189 -21.69 -17.16 -11.01
N SER A 190 -21.59 -16.16 -10.17
CA SER A 190 -22.27 -16.25 -8.89
C SER A 190 -23.79 -16.41 -9.05
N ARG A 191 -24.37 -17.29 -8.24
CA ARG A 191 -25.81 -17.49 -8.26
C ARG A 191 -26.61 -16.48 -7.46
N LEU A 192 -25.93 -15.70 -6.61
CA LEU A 192 -26.61 -14.73 -5.76
C LEU A 192 -26.68 -13.41 -6.46
N LEU A 193 -27.89 -13.05 -6.87
CA LEU A 193 -28.15 -11.77 -7.52
C LEU A 193 -29.08 -10.95 -6.69
N GLY A 194 -28.67 -9.74 -6.36
CA GLY A 194 -29.46 -8.85 -5.55
C GLY A 194 -30.18 -7.90 -6.49
N VAL A 195 -31.52 -7.88 -6.41
CA VAL A 195 -32.34 -7.05 -7.25
C VAL A 195 -32.86 -5.92 -6.32
N ASN A 196 -32.31 -4.74 -6.55
CA ASN A 196 -32.44 -3.64 -5.63
C ASN A 196 -33.45 -2.64 -6.18
N ASN A 197 -34.45 -2.34 -5.36
CA ASN A 197 -35.59 -1.47 -5.72
C ASN A 197 -35.34 0.05 -5.59
N ARG A 198 -34.20 0.43 -5.03
CA ARG A 198 -33.85 1.82 -4.77
C ARG A 198 -33.01 2.39 -5.92
N ASN A 199 -33.58 3.37 -6.63
CA ASN A 199 -32.89 4.04 -7.74
C ASN A 199 -31.71 4.82 -7.19
N LEU A 200 -30.52 4.61 -7.76
CA LEU A 200 -29.30 5.28 -7.24
C LEU A 200 -29.16 6.75 -7.71
N ARG A 201 -29.77 7.09 -8.84
CA ARG A 201 -29.85 8.53 -9.27
C ARG A 201 -30.90 9.33 -8.45
N SER A 202 -32.11 8.81 -8.34
CA SER A 202 -33.25 9.52 -7.71
C SER A 202 -33.48 9.19 -6.23
N PHE A 203 -32.96 8.05 -5.77
CA PHE A 203 -33.30 7.52 -4.44
C PHE A 203 -34.79 7.10 -4.28
N GLU A 204 -35.57 7.11 -5.38
CA GLU A 204 -36.95 6.59 -5.37
C GLU A 204 -36.92 5.08 -5.13
N VAL A 205 -37.89 4.56 -4.38
CA VAL A 205 -37.95 3.14 -4.04
C VAL A 205 -39.27 2.54 -4.52
N ASN A 206 -39.21 1.51 -5.35
CA ASN A 206 -40.41 0.90 -5.92
C ASN A 206 -40.23 -0.61 -6.17
N LEU A 207 -41.09 -1.41 -5.54
CA LEU A 207 -41.00 -2.85 -5.62
C LEU A 207 -41.11 -3.37 -7.05
N ALA A 208 -41.75 -2.59 -7.93
CA ALA A 208 -41.87 -3.00 -9.34
C ALA A 208 -40.53 -3.18 -10.08
N VAL A 209 -39.46 -2.56 -9.58
CA VAL A 209 -38.15 -2.71 -10.19
C VAL A 209 -37.65 -4.16 -10.05
N SER A 210 -37.72 -4.73 -8.87
CA SER A 210 -37.29 -6.10 -8.69
C SER A 210 -38.18 -7.05 -9.49
N GLU A 211 -39.47 -6.74 -9.59
CA GLU A 211 -40.41 -7.58 -10.35
C GLU A 211 -40.01 -7.64 -11.82
N ARG A 212 -39.65 -6.52 -12.37
CA ARG A 212 -39.21 -6.44 -13.74
C ARG A 212 -37.85 -7.16 -13.95
N LEU A 213 -36.89 -6.93 -13.06
CA LEU A 213 -35.58 -7.55 -13.24
C LEU A 213 -35.68 -9.07 -13.09
N ALA A 214 -36.56 -9.54 -12.22
CA ALA A 214 -36.69 -10.99 -12.01
C ALA A 214 -37.14 -11.69 -13.27
N LYS A 215 -37.95 -11.02 -14.13
CA LYS A 215 -38.52 -11.66 -15.32
C LYS A 215 -37.36 -11.96 -16.29
N MET A 216 -36.28 -11.23 -16.12
CA MET A 216 -35.16 -11.28 -17.03
C MET A 216 -34.10 -12.32 -16.60
N ALA A 217 -34.10 -12.67 -15.31
CA ALA A 217 -33.15 -13.62 -14.78
C ALA A 217 -33.57 -15.07 -15.10
N PRO A 218 -32.58 -15.94 -15.29
CA PRO A 218 -32.85 -17.35 -15.48
C PRO A 218 -33.07 -17.99 -14.12
N SER A 219 -33.74 -19.14 -14.13
CA SER A 219 -34.22 -19.79 -12.90
C SER A 219 -33.08 -20.37 -12.03
N ASP A 220 -31.90 -20.64 -12.57
CA ASP A 220 -30.79 -21.10 -11.73
C ASP A 220 -30.21 -20.00 -10.79
N ARG A 221 -30.52 -18.72 -11.00
CA ARG A 221 -30.00 -17.67 -10.10
C ARG A 221 -30.91 -17.54 -8.90
N LEU A 222 -30.35 -17.24 -7.73
CA LEU A 222 -31.12 -17.04 -6.50
C LEU A 222 -31.28 -15.54 -6.31
N LEU A 223 -32.52 -15.06 -6.43
CA LEU A 223 -32.73 -13.63 -6.45
C LEU A 223 -32.94 -13.14 -5.04
N VAL A 224 -32.25 -12.07 -4.68
CA VAL A 224 -32.37 -11.44 -3.39
C VAL A 224 -33.00 -10.05 -3.54
N GLY A 225 -34.20 -9.89 -2.99
CA GLY A 225 -34.88 -8.61 -3.05
C GLY A 225 -34.30 -7.70 -1.99
N GLU A 226 -33.99 -6.46 -2.37
CA GLU A 226 -33.48 -5.43 -1.42
CA GLU A 226 -33.42 -5.43 -1.46
C GLU A 226 -34.12 -4.05 -1.62
N SER A 227 -34.45 -3.44 -0.48
CA SER A 227 -35.08 -2.10 -0.36
C SER A 227 -36.57 -2.13 -0.60
N GLY A 228 -37.28 -1.43 0.29
CA GLY A 228 -38.72 -1.22 0.16
C GLY A 228 -39.49 -2.42 0.60
N ILE A 229 -38.84 -3.34 1.31
CA ILE A 229 -39.49 -4.55 1.78
C ILE A 229 -39.72 -4.38 3.27
N PHE A 230 -40.99 -4.22 3.66
CA PHE A 230 -41.31 -3.94 5.07
C PHE A 230 -42.11 -5.02 5.79
N THR A 231 -42.99 -5.72 5.07
CA THR A 231 -43.97 -6.59 5.69
C THR A 231 -43.94 -7.97 5.06
N HIS A 232 -44.56 -8.92 5.74
CA HIS A 232 -44.71 -10.28 5.24
C HIS A 232 -45.46 -10.27 3.94
N GLU A 233 -46.43 -9.38 3.82
CA GLU A 233 -47.18 -9.25 2.57
C GLU A 233 -46.28 -8.76 1.42
N ASP A 234 -45.31 -7.88 1.70
CA ASP A 234 -44.37 -7.47 0.66
C ASP A 234 -43.60 -8.68 0.13
N CYS A 235 -43.24 -9.56 1.05
CA CYS A 235 -42.50 -10.76 0.70
C CYS A 235 -43.35 -11.69 -0.15
N LEU A 236 -44.61 -11.90 0.24
CA LEU A 236 -45.54 -12.71 -0.56
C LEU A 236 -45.73 -12.15 -1.97
N ARG A 237 -45.88 -10.83 -2.08
CA ARG A 237 -45.93 -10.21 -3.42
C ARG A 237 -44.67 -10.56 -4.24
N LEU A 238 -43.48 -10.28 -3.67
CA LEU A 238 -42.25 -10.48 -4.46
C LEU A 238 -42.10 -11.97 -4.80
N GLU A 239 -42.57 -12.85 -3.91
CA GLU A 239 -42.54 -14.30 -4.15
C GLU A 239 -43.26 -14.70 -5.46
N LYS A 240 -44.29 -13.97 -5.84
CA LYS A 240 -44.98 -14.22 -7.09
C LYS A 240 -44.12 -14.01 -8.32
N SER A 241 -43.04 -13.23 -8.20
CA SER A 241 -42.09 -13.05 -9.31
C SER A 241 -40.87 -13.95 -9.14
N GLY A 242 -40.91 -14.92 -8.22
CA GLY A 242 -39.82 -15.82 -7.97
C GLY A 242 -38.78 -15.34 -6.98
N ILE A 243 -39.04 -14.24 -6.27
CA ILE A 243 -38.09 -13.71 -5.28
C ILE A 243 -38.52 -14.16 -3.86
N GLY A 244 -37.75 -15.10 -3.27
CA GLY A 244 -38.05 -15.67 -1.96
C GLY A 244 -36.95 -15.48 -0.93
N THR A 245 -35.96 -14.66 -1.29
CA THR A 245 -34.84 -14.33 -0.43
C THR A 245 -34.76 -12.82 -0.38
N PHE A 246 -34.51 -12.26 0.80
CA PHE A 246 -34.55 -10.80 1.00
C PHE A 246 -33.38 -10.33 1.87
N LEU A 247 -32.95 -9.09 1.67
CA LEU A 247 -31.94 -8.44 2.48
C LEU A 247 -32.62 -7.23 3.07
N ILE A 248 -32.78 -7.22 4.39
CA ILE A 248 -33.53 -6.19 5.10
C ILE A 248 -32.86 -5.95 6.44
N GLY A 249 -32.77 -4.69 6.84
CA GLY A 249 -32.12 -4.34 8.09
C GLY A 249 -32.77 -3.22 8.89
N GLU A 250 -32.73 -2.02 8.32
CA GLU A 250 -33.18 -0.79 9.03
C GLU A 250 -34.57 -0.92 9.68
N SER A 251 -35.57 -1.27 8.87
CA SER A 251 -36.96 -1.44 9.33
C SER A 251 -37.11 -2.44 10.48
N LEU A 252 -36.31 -3.49 10.50
CA LEU A 252 -36.30 -4.44 11.61
C LEU A 252 -35.58 -3.83 12.81
N MET A 253 -34.44 -3.18 12.56
CA MET A 253 -33.68 -2.52 13.64
C MET A 253 -34.42 -1.43 14.37
N ARG A 254 -35.27 -0.71 13.66
CA ARG A 254 -36.01 0.34 14.33
C ARG A 254 -37.28 -0.13 15.02
N GLN A 255 -37.44 -1.44 15.18
CA GLN A 255 -38.47 -1.98 16.08
C GLN A 255 -37.83 -2.51 17.36
N HIS A 256 -38.53 -2.46 18.49
CA HIS A 256 -37.95 -2.75 19.81
C HIS A 256 -37.52 -4.19 19.92
N ASP A 257 -38.46 -5.09 19.70
CA ASP A 257 -38.19 -6.53 19.79
C ASP A 257 -37.81 -7.04 18.39
N VAL A 258 -36.49 -7.08 18.15
CA VAL A 258 -35.95 -7.42 16.82
C VAL A 258 -36.28 -8.87 16.46
N ALA A 259 -36.18 -9.79 17.41
CA ALA A 259 -36.53 -11.20 17.13
C ALA A 259 -37.99 -11.32 16.69
N ALA A 260 -38.87 -10.60 17.37
CA ALA A 260 -40.31 -10.70 17.12
C ALA A 260 -40.63 -10.03 15.78
N ALA A 261 -39.92 -8.93 15.48
CA ALA A 261 -40.10 -8.22 14.22
C ALA A 261 -39.68 -9.10 13.04
N THR A 262 -38.59 -9.85 13.23
CA THR A 262 -38.10 -10.79 12.22
C THR A 262 -39.03 -11.99 11.98
N ARG A 263 -39.53 -12.58 13.06
CA ARG A 263 -40.51 -13.66 12.92
C ARG A 263 -41.77 -13.17 12.17
N ALA A 264 -42.22 -11.97 12.51
CA ALA A 264 -43.43 -11.38 11.89
C ALA A 264 -43.24 -11.21 10.38
N LEU A 265 -42.10 -10.65 9.99
CA LEU A 265 -41.81 -10.48 8.58
C LEU A 265 -41.73 -11.81 7.86
N LEU A 266 -41.10 -12.81 8.47
CA LEU A 266 -40.92 -14.10 7.79
C LEU A 266 -42.19 -14.99 7.75
N THR A 267 -42.99 -14.95 8.82
CA THR A 267 -44.12 -15.88 8.99
C THR A 267 -45.49 -15.22 9.01
N GLY A 268 -45.58 -13.93 9.33
CA GLY A 268 -46.84 -13.19 9.38
C GLY A 268 -47.66 -13.40 10.67
N ILE B 9 -22.83 10.59 -5.93
CA ILE B 9 -22.69 9.84 -4.65
C ILE B 9 -21.75 8.61 -4.79
N LEU B 10 -21.90 7.87 -5.88
CA LEU B 10 -21.04 6.72 -6.14
C LEU B 10 -19.58 7.11 -6.41
N ARG B 11 -19.38 8.18 -7.17
CA ARG B 11 -18.05 8.71 -7.46
C ARG B 11 -17.37 9.26 -6.19
N LYS B 12 -18.15 9.87 -5.32
CA LYS B 12 -17.67 10.34 -4.01
C LYS B 12 -17.27 9.16 -3.11
N ILE B 13 -18.10 8.11 -3.07
CA ILE B 13 -17.83 6.96 -2.21
C ILE B 13 -16.53 6.33 -2.71
N GLU B 14 -16.41 6.16 -4.03
CA GLU B 14 -15.26 5.51 -4.60
C GLU B 14 -13.98 6.26 -4.22
N ALA B 15 -14.03 7.59 -4.28
CA ALA B 15 -12.88 8.44 -3.97
C ALA B 15 -12.39 8.23 -2.54
N TYR B 16 -13.27 8.32 -1.55
CA TYR B 16 -12.82 8.12 -0.17
C TYR B 16 -12.50 6.65 0.11
N LYS B 17 -13.20 5.73 -0.55
CA LYS B 17 -12.92 4.29 -0.34
C LYS B 17 -11.54 3.95 -0.87
N ARG B 18 -11.15 4.48 -2.03
CA ARG B 18 -9.81 4.21 -2.57
C ARG B 18 -8.71 4.75 -1.66
N GLU B 19 -8.94 5.92 -1.04
CA GLU B 19 -8.00 6.46 -0.05
C GLU B 19 -7.94 5.53 1.19
N GLU B 20 -9.08 5.05 1.70
CA GLU B 20 -9.04 4.08 2.82
C GLU B 20 -8.27 2.80 2.50
N ILE B 21 -8.44 2.30 1.28
CA ILE B 21 -7.73 1.08 0.86
C ILE B 21 -6.21 1.38 0.89
N ALA B 22 -5.80 2.49 0.31
CA ALA B 22 -4.38 2.83 0.25
C ALA B 22 -3.82 2.97 1.66
N ALA B 23 -4.55 3.65 2.55
CA ALA B 23 -4.08 3.86 3.93
C ALA B 23 -4.02 2.52 4.70
N ALA B 24 -4.95 1.60 4.41
CA ALA B 24 -4.95 0.28 5.08
C ALA B 24 -3.73 -0.51 4.68
N LYS B 25 -3.45 -0.56 3.38
CA LYS B 25 -2.27 -1.27 2.91
C LYS B 25 -1.00 -0.64 3.49
N ALA B 26 -0.92 0.69 3.54
CA ALA B 26 0.29 1.40 4.02
C ALA B 26 0.58 1.07 5.51
N ARG B 27 -0.48 0.97 6.26
CA ARG B 27 -0.41 0.69 7.67
CA ARG B 27 -0.45 0.67 7.68
C ARG B 27 0.18 -0.71 7.95
N LEU B 28 -0.37 -1.72 7.31
CA LEU B 28 0.12 -3.08 7.51
C LEU B 28 1.55 -3.23 6.98
N ALA B 29 1.86 -2.59 5.85
CA ALA B 29 3.20 -2.66 5.28
C ALA B 29 4.21 -2.03 6.25
N LEU B 30 3.87 -0.86 6.80
CA LEU B 30 4.81 -0.18 7.68
C LEU B 30 4.98 -0.96 9.00
N ASP B 31 3.91 -1.54 9.53
CA ASP B 31 4.02 -2.39 10.72
C ASP B 31 5.00 -3.55 10.48
N GLU B 32 4.98 -4.14 9.30
CA GLU B 32 5.91 -5.24 8.94
C GLU B 32 7.36 -4.75 8.85
N LEU B 33 7.59 -3.65 8.14
CA LEU B 33 8.92 -3.04 8.11
C LEU B 33 9.41 -2.62 9.51
N LYS B 34 8.56 -2.04 10.34
CA LYS B 34 8.95 -1.74 11.73
C LYS B 34 9.43 -3.02 12.46
N ALA B 35 8.68 -4.12 12.32
CA ALA B 35 9.09 -5.42 12.89
C ALA B 35 10.49 -5.83 12.38
N ARG B 36 10.71 -5.69 11.08
CA ARG B 36 11.98 -6.04 10.48
C ARG B 36 13.11 -5.15 11.00
N THR B 37 12.85 -3.85 11.13
CA THR B 37 13.89 -2.96 11.63
C THR B 37 14.29 -3.35 13.06
N ARG B 38 13.36 -3.80 13.88
CA ARG B 38 13.70 -4.20 15.27
C ARG B 38 14.55 -5.48 15.31
N ASP B 39 14.54 -6.28 14.26
CA ASP B 39 15.42 -7.46 14.19
C ASP B 39 16.75 -7.21 13.49
N GLN B 40 17.01 -5.99 12.99
CA GLN B 40 18.32 -5.68 12.41
C GLN B 40 19.33 -5.29 13.49
N SER B 41 20.60 -5.62 13.28
CA SER B 41 21.64 -5.05 14.12
C SER B 41 21.78 -3.55 13.84
N ALA B 42 22.36 -2.83 14.81
CA ALA B 42 22.50 -1.39 14.80
C ALA B 42 23.27 -0.88 13.59
N PRO B 43 22.94 0.33 13.14
CA PRO B 43 23.72 0.92 12.04
C PRO B 43 25.22 1.04 12.34
N ARG B 44 26.04 0.89 11.30
CA ARG B 44 27.50 0.87 11.44
C ARG B 44 28.17 2.25 11.66
N GLY B 45 27.49 3.36 11.39
CA GLY B 45 28.08 4.66 11.66
C GLY B 45 28.73 5.24 10.42
N PHE B 46 27.90 5.67 9.49
CA PHE B 46 28.37 6.08 8.15
C PHE B 46 29.18 7.41 8.27
N LEU B 47 28.58 8.45 8.82
CA LEU B 47 29.28 9.73 9.04
C LEU B 47 30.55 9.55 9.88
N LYS B 48 30.44 8.79 10.97
CA LYS B 48 31.57 8.54 11.89
C LYS B 48 32.75 7.86 11.16
N ALA B 49 32.49 6.95 10.22
CA ALA B 49 33.55 6.31 9.42
C ALA B 49 34.24 7.30 8.49
N LEU B 50 33.49 8.22 7.90
CA LEU B 50 34.11 9.24 7.04
C LEU B 50 34.99 10.16 7.89
N GLU B 51 34.50 10.55 9.07
CA GLU B 51 35.26 11.46 9.95
C GLU B 51 36.56 10.82 10.45
N ALA B 52 36.51 9.53 10.74
CA ALA B 52 37.68 8.77 11.15
C ALA B 52 38.74 8.72 10.04
N LYS B 53 38.33 8.62 8.78
CA LYS B 53 39.31 8.72 7.67
C LYS B 53 39.93 10.08 7.60
N ARG B 54 39.11 11.12 7.67
CA ARG B 54 39.66 12.48 7.63
C ARG B 54 40.59 12.73 8.86
N ALA B 55 40.20 12.26 10.05
CA ALA B 55 41.07 12.37 11.22
C ALA B 55 42.44 11.74 10.99
N ALA B 56 42.50 10.60 10.31
CA ALA B 56 43.79 9.98 9.96
C ALA B 56 44.52 10.69 8.81
N GLY B 57 44.01 11.82 8.33
CA GLY B 57 44.64 12.57 7.22
C GLY B 57 44.55 11.85 5.88
N GLN B 58 43.49 11.07 5.67
CA GLN B 58 43.29 10.37 4.42
C GLN B 58 42.03 10.86 3.76
N PHE B 59 41.97 10.74 2.44
CA PHE B 59 40.75 11.06 1.74
C PHE B 59 39.66 10.05 2.14
N ALA B 60 38.41 10.52 2.27
CA ALA B 60 37.30 9.63 2.67
C ALA B 60 36.42 9.35 1.46
N LEU B 61 36.40 8.10 1.02
CA LEU B 61 35.66 7.70 -0.15
C LEU B 61 34.38 6.95 0.19
N ILE B 62 33.28 7.45 -0.37
CA ILE B 62 32.05 6.68 -0.43
C ILE B 62 32.08 6.01 -1.81
N ALA B 63 32.35 4.70 -1.84
CA ALA B 63 32.61 3.99 -3.08
C ALA B 63 31.31 3.36 -3.58
N GLU B 64 30.96 3.62 -4.84
CA GLU B 64 29.62 3.35 -5.34
C GLU B 64 29.56 2.12 -6.25
N ILE B 65 28.64 1.21 -5.91
CA ILE B 65 28.39 -0.02 -6.63
C ILE B 65 27.21 0.30 -7.53
N LYS B 66 27.52 0.55 -8.80
CA LYS B 66 26.57 1.03 -9.81
C LYS B 66 26.81 0.25 -11.12
N LYS B 67 25.77 -0.39 -11.64
CA LYS B 67 25.87 -1.16 -12.88
C LYS B 67 25.72 -0.32 -14.16
N ALA B 68 24.76 0.62 -14.13
CA ALA B 68 24.35 1.41 -15.27
C ALA B 68 23.84 2.76 -14.84
N SER B 69 23.58 3.66 -15.77
CA SER B 69 22.98 4.96 -15.43
C SER B 69 22.32 5.52 -16.67
N PRO B 70 21.35 6.43 -16.50
CA PRO B 70 20.77 7.03 -17.73
C PRO B 70 21.77 7.88 -18.55
N SER B 71 22.64 8.64 -17.88
CA SER B 71 23.68 9.40 -18.58
C SER B 71 24.71 8.53 -19.31
N LYS B 72 24.99 7.32 -18.80
CA LYS B 72 26.12 6.55 -19.26
C LYS B 72 25.76 5.21 -19.95
N GLY B 73 24.50 4.75 -19.85
CA GLY B 73 24.16 3.40 -20.32
C GLY B 73 24.73 2.36 -19.38
N LEU B 74 24.99 1.15 -19.88
CA LEU B 74 25.58 0.05 -19.08
C LEU B 74 27.03 0.35 -18.77
N ILE B 75 27.38 0.42 -17.47
CA ILE B 75 28.77 0.61 -17.00
C ILE B 75 29.55 -0.70 -16.85
N ARG B 76 29.02 -1.67 -16.12
CA ARG B 76 29.81 -2.84 -15.83
C ARG B 76 29.02 -4.11 -16.09
N PRO B 77 29.18 -4.67 -17.32
CA PRO B 77 28.37 -5.83 -17.74
C PRO B 77 28.42 -6.96 -16.73
N ASP B 78 29.61 -7.27 -16.24
CA ASP B 78 29.81 -8.35 -15.28
C ASP B 78 29.76 -7.75 -13.89
N PHE B 79 28.70 -8.03 -13.14
CA PHE B 79 28.40 -7.21 -11.97
C PHE B 79 28.19 -8.09 -10.75
N ASP B 80 29.05 -7.96 -9.75
CA ASP B 80 29.04 -8.82 -8.57
C ASP B 80 29.13 -7.99 -7.29
N PRO B 81 27.98 -7.57 -6.73
CA PRO B 81 28.06 -6.61 -5.62
C PRO B 81 28.91 -7.04 -4.40
N PRO B 82 28.80 -8.29 -3.94
CA PRO B 82 29.68 -8.71 -2.84
C PRO B 82 31.17 -8.62 -3.18
N ALA B 83 31.57 -9.03 -4.39
CA ALA B 83 32.99 -8.96 -4.79
C ALA B 83 33.44 -7.51 -4.87
N LEU B 84 32.56 -6.65 -5.38
CA LEU B 84 32.89 -5.23 -5.56
C LEU B 84 33.04 -4.56 -4.19
N ALA B 85 32.17 -4.91 -3.25
CA ALA B 85 32.27 -4.41 -1.87
C ALA B 85 33.62 -4.78 -1.26
N LYS B 86 34.02 -6.04 -1.43
CA LYS B 86 35.31 -6.49 -0.87
C LYS B 86 36.45 -5.71 -1.51
N ALA B 87 36.37 -5.49 -2.81
CA ALA B 87 37.45 -4.84 -3.55
C ALA B 87 37.55 -3.38 -3.13
N TYR B 88 36.41 -2.74 -2.92
CA TYR B 88 36.42 -1.38 -2.48
C TYR B 88 37.01 -1.29 -1.06
N GLU B 89 36.63 -2.20 -0.17
CA GLU B 89 37.20 -2.17 1.19
C GLU B 89 38.74 -2.36 1.12
N GLU B 90 39.16 -3.33 0.30
CA GLU B 90 40.58 -3.61 0.13
C GLU B 90 41.35 -2.39 -0.39
N GLY B 91 40.76 -1.65 -1.31
CA GLY B 91 41.40 -0.48 -1.86
C GLY B 91 41.35 0.78 -0.99
N GLY B 92 40.70 0.72 0.18
CA GLY B 92 40.70 1.84 1.13
C GLY B 92 39.41 2.68 1.25
N ALA B 93 38.33 2.28 0.61
CA ALA B 93 37.06 3.00 0.78
C ALA B 93 36.68 3.13 2.25
N ALA B 94 36.07 4.23 2.62
CA ALA B 94 35.56 4.44 3.97
C ALA B 94 34.13 3.88 4.12
N CYS B 95 33.33 4.01 3.07
CA CYS B 95 31.93 3.54 3.06
C CYS B 95 31.53 3.13 1.66
N LEU B 96 30.35 2.49 1.54
CA LEU B 96 29.79 2.10 0.26
C LEU B 96 28.54 2.90 -0.06
N SER B 97 28.28 3.07 -1.35
CA SER B 97 26.97 3.54 -1.84
C SER B 97 26.48 2.45 -2.76
N VAL B 98 25.25 2.01 -2.62
CA VAL B 98 24.76 0.93 -3.50
C VAL B 98 23.47 1.38 -4.15
N LEU B 99 23.44 1.40 -5.47
CA LEU B 99 22.24 1.78 -6.16
C LEU B 99 21.21 0.66 -5.94
N THR B 100 20.03 1.01 -5.43
CA THR B 100 18.94 0.05 -5.29
C THR B 100 17.81 0.29 -6.30
N ASP B 101 17.91 1.33 -7.12
CA ASP B 101 16.96 1.61 -8.21
C ASP B 101 17.21 0.66 -9.38
N THR B 102 16.15 0.07 -9.92
CA THR B 102 16.27 -0.90 -10.99
C THR B 102 16.05 -0.32 -12.39
N PRO B 103 14.95 0.40 -12.63
CA PRO B 103 14.71 0.85 -14.04
C PRO B 103 15.77 1.80 -14.64
N SER B 104 16.34 2.69 -13.83
CA SER B 104 17.29 3.63 -14.39
C SER B 104 18.74 3.22 -14.20
N PHE B 105 19.05 2.48 -13.13
CA PHE B 105 20.45 2.15 -12.80
C PHE B 105 20.81 0.69 -12.82
N GLN B 106 19.79 -0.15 -12.99
CA GLN B 106 19.94 -1.61 -12.91
C GLN B 106 20.54 -2.07 -11.57
N GLY B 107 20.23 -1.35 -10.50
CA GLY B 107 20.44 -1.87 -9.15
C GLY B 107 19.27 -2.71 -8.65
N ALA B 108 19.34 -3.07 -7.38
CA ALA B 108 18.29 -3.83 -6.70
C ALA B 108 18.48 -3.64 -5.18
N PRO B 109 17.39 -3.65 -4.42
CA PRO B 109 17.48 -3.69 -2.97
C PRO B 109 18.46 -4.74 -2.44
N GLU B 110 18.41 -5.94 -3.04
CA GLU B 110 19.21 -7.05 -2.59
C GLU B 110 20.70 -6.77 -2.74
N PHE B 111 21.08 -5.94 -3.70
CA PHE B 111 22.49 -5.61 -3.87
C PHE B 111 23.05 -4.85 -2.65
N LEU B 112 22.25 -3.99 -2.03
CA LEU B 112 22.65 -3.26 -0.81
C LEU B 112 22.95 -4.24 0.31
N THR B 113 22.03 -5.18 0.53
CA THR B 113 22.17 -6.13 1.62
C THR B 113 23.36 -7.04 1.35
N ALA B 114 23.47 -7.61 0.15
CA ALA B 114 24.59 -8.51 -0.15
C ALA B 114 25.94 -7.76 -0.06
N ALA B 115 26.07 -6.59 -0.67
CA ALA B 115 27.34 -5.81 -0.58
C ALA B 115 27.71 -5.55 0.87
N ARG B 116 26.74 -5.15 1.68
CA ARG B 116 27.01 -4.85 3.09
C ARG B 116 27.46 -6.06 3.88
N GLN B 117 26.82 -7.20 3.65
CA GLN B 117 27.19 -8.46 4.34
CA GLN B 117 27.21 -8.42 4.36
C GLN B 117 28.60 -8.93 3.94
N ALA B 118 29.07 -8.55 2.74
CA ALA B 118 30.38 -9.00 2.22
C ALA B 118 31.57 -8.23 2.75
N CYS B 119 31.35 -7.15 3.50
CA CYS B 119 32.46 -6.35 4.05
C CYS B 119 32.03 -5.78 5.37
N SER B 120 32.86 -4.93 5.96
CA SER B 120 32.53 -4.32 7.25
C SER B 120 32.26 -2.79 7.16
N LEU B 121 32.08 -2.26 5.96
CA LEU B 121 31.89 -0.83 5.77
C LEU B 121 30.43 -0.40 5.96
N PRO B 122 30.23 0.83 6.46
CA PRO B 122 28.86 1.36 6.41
C PRO B 122 28.37 1.55 4.98
N ALA B 123 27.05 1.50 4.76
CA ALA B 123 26.50 1.56 3.41
C ALA B 123 25.28 2.47 3.28
N LEU B 124 25.29 3.24 2.21
CA LEU B 124 24.21 4.17 1.85
C LEU B 124 23.26 3.51 0.85
N ARG B 125 21.95 3.63 1.08
CA ARG B 125 20.95 3.33 0.07
C ARG B 125 20.91 4.47 -0.93
N LYS B 126 21.41 4.23 -2.13
CA LYS B 126 21.39 5.23 -3.19
C LYS B 126 20.14 5.00 -4.06
N ASP B 127 19.15 5.85 -3.87
CA ASP B 127 17.86 5.69 -4.54
C ASP B 127 17.09 7.01 -4.42
N PHE B 128 15.94 7.09 -5.08
CA PHE B 128 15.10 8.29 -5.02
C PHE B 128 13.99 8.12 -4.00
N LEU B 129 14.08 8.93 -2.93
CA LEU B 129 13.16 8.85 -1.79
C LEU B 129 12.13 9.96 -1.84
N PHE B 130 10.86 9.57 -1.81
CA PHE B 130 9.75 10.47 -1.81
C PHE B 130 8.82 10.24 -0.63
N ASP B 131 9.13 9.29 0.26
CA ASP B 131 8.14 8.82 1.24
C ASP B 131 8.91 8.21 2.37
N PRO B 132 8.64 8.65 3.61
CA PRO B 132 9.33 8.04 4.77
C PRO B 132 9.25 6.52 4.88
N TYR B 133 8.19 5.91 4.31
CA TYR B 133 8.12 4.45 4.20
C TYR B 133 9.43 3.86 3.64
N GLN B 134 10.02 4.56 2.69
CA GLN B 134 11.27 4.10 2.05
C GLN B 134 12.49 4.14 2.97
N VAL B 135 12.43 4.94 4.02
CA VAL B 135 13.49 5.02 5.01
C VAL B 135 13.45 3.79 5.91
N TYR B 136 12.24 3.41 6.35
CA TYR B 136 12.06 2.10 7.00
C TYR B 136 12.55 0.93 6.11
N GLU B 137 12.26 0.98 4.80
CA GLU B 137 12.77 -0.03 3.84
C GLU B 137 14.26 -0.11 3.92
N ALA B 138 14.89 1.06 3.79
CA ALA B 138 16.37 1.14 3.78
C ALA B 138 16.96 0.47 5.01
N ARG B 139 16.48 0.86 6.19
CA ARG B 139 16.96 0.27 7.43
C ARG B 139 16.73 -1.25 7.44
N SER B 140 15.57 -1.68 6.96
CA SER B 140 15.25 -3.12 6.97
C SER B 140 16.21 -3.90 6.08
N TRP B 141 16.80 -3.25 5.08
CA TRP B 141 17.74 -3.90 4.17
C TRP B 141 19.15 -3.79 4.67
N GLY B 142 19.33 -3.09 5.80
CA GLY B 142 20.61 -2.91 6.44
C GLY B 142 21.30 -1.55 6.25
N ALA B 143 20.66 -0.63 5.57
CA ALA B 143 21.26 0.66 5.29
C ALA B 143 21.73 1.36 6.53
N ASP B 144 22.86 2.05 6.42
CA ASP B 144 23.41 2.88 7.51
C ASP B 144 23.21 4.38 7.23
N CYS B 145 22.80 4.71 6.01
CA CYS B 145 22.59 6.12 5.59
C CYS B 145 21.59 6.15 4.47
N ILE B 146 20.79 7.22 4.40
CA ILE B 146 19.88 7.42 3.26
C ILE B 146 20.29 8.68 2.45
N LEU B 147 19.70 8.81 1.27
CA LEU B 147 19.91 9.96 0.38
C LEU B 147 18.65 10.80 0.31
N ILE B 148 18.80 12.11 0.51
CA ILE B 148 17.74 13.08 0.33
C ILE B 148 18.19 14.03 -0.80
N ILE B 149 17.39 14.10 -1.87
CA ILE B 149 17.71 14.95 -3.05
C ILE B 149 16.89 16.24 -2.99
N MET B 150 17.55 17.37 -2.75
CA MET B 150 16.85 18.62 -2.62
C MET B 150 16.09 19.02 -3.91
N ALA B 151 16.60 18.63 -5.07
CA ALA B 151 15.91 18.90 -6.35
C ALA B 151 14.58 18.16 -6.48
N SER B 152 14.37 17.11 -5.68
CA SER B 152 13.20 16.22 -5.83
C SER B 152 12.13 16.37 -4.77
N VAL B 153 12.44 16.95 -3.61
CA VAL B 153 11.50 16.96 -2.48
C VAL B 153 11.40 18.38 -1.90
N ASP B 154 10.23 18.75 -1.37
CA ASP B 154 10.09 20.08 -0.71
C ASP B 154 10.65 20.01 0.72
N ASP B 155 10.59 21.15 1.41
CA ASP B 155 11.21 21.29 2.72
C ASP B 155 10.58 20.40 3.78
N ASP B 156 9.25 20.32 3.78
CA ASP B 156 8.56 19.46 4.74
C ASP B 156 8.92 18.00 4.58
N LEU B 157 8.96 17.52 3.33
CA LEU B 157 9.29 16.13 3.05
C LEU B 157 10.78 15.83 3.37
N ALA B 158 11.67 16.77 3.04
CA ALA B 158 13.10 16.61 3.41
C ALA B 158 13.27 16.44 4.93
N LYS B 159 12.60 17.30 5.71
CA LYS B 159 12.71 17.23 7.17
CA LYS B 159 12.67 17.25 7.18
C LYS B 159 12.13 15.92 7.68
N GLU B 160 10.98 15.51 7.15
CA GLU B 160 10.40 14.24 7.57
C GLU B 160 11.32 13.04 7.23
N LEU B 161 11.89 13.03 6.02
CA LEU B 161 12.87 12.00 5.66
C LEU B 161 14.06 11.95 6.64
N GLU B 162 14.61 13.11 6.96
CA GLU B 162 15.76 13.17 7.85
C GLU B 162 15.37 12.76 9.28
N ASP B 163 14.19 13.19 9.74
CA ASP B 163 13.77 12.83 11.09
C ASP B 163 13.54 11.32 11.20
N THR B 164 12.99 10.73 10.16
CA THR B 164 12.75 9.28 10.20
C THR B 164 14.11 8.55 10.25
N ALA B 165 15.05 9.00 9.43
CA ALA B 165 16.37 8.38 9.40
C ALA B 165 17.02 8.44 10.76
N PHE B 166 17.03 9.66 11.36
CA PHE B 166 17.61 9.79 12.70
C PHE B 166 16.92 8.92 13.77
N ALA B 167 15.59 8.87 13.77
CA ALA B 167 14.88 7.97 14.71
C ALA B 167 15.30 6.51 14.55
N LEU B 168 15.67 6.11 13.36
CA LEU B 168 16.09 4.72 13.12
C LEU B 168 17.62 4.54 13.24
N GLY B 169 18.33 5.58 13.67
CA GLY B 169 19.75 5.48 13.93
C GLY B 169 20.65 5.65 12.73
N MET B 170 20.11 6.13 11.61
CA MET B 170 20.88 6.28 10.35
C MET B 170 21.24 7.72 10.09
N ASP B 171 22.26 7.91 9.27
CA ASP B 171 22.66 9.23 8.77
C ASP B 171 21.87 9.53 7.48
N ALA B 172 22.02 10.75 6.97
CA ALA B 172 21.34 11.22 5.77
C ALA B 172 22.32 12.09 5.01
N LEU B 173 22.60 11.73 3.76
CA LEU B 173 23.39 12.55 2.86
C LEU B 173 22.42 13.43 2.09
N ILE B 174 22.60 14.75 2.22
CA ILE B 174 21.74 15.73 1.57
C ILE B 174 22.36 16.26 0.28
N GLU B 175 21.78 15.89 -0.86
CA GLU B 175 22.38 16.19 -2.14
C GLU B 175 21.89 17.52 -2.68
N VAL B 176 22.84 18.39 -3.05
CA VAL B 176 22.54 19.72 -3.55
C VAL B 176 23.29 20.00 -4.83
N HIS B 177 22.65 20.74 -5.73
CA HIS B 177 23.20 21.06 -7.05
CA HIS B 177 23.26 21.08 -7.03
C HIS B 177 23.42 22.55 -7.28
N ASP B 178 22.83 23.40 -6.45
CA ASP B 178 22.97 24.84 -6.61
C ASP B 178 22.82 25.59 -5.27
N GLU B 179 22.86 26.92 -5.34
CA GLU B 179 22.86 27.76 -4.16
C GLU B 179 21.51 27.74 -3.45
N ALA B 180 20.43 27.83 -4.20
CA ALA B 180 19.10 27.72 -3.63
C ALA B 180 18.94 26.41 -2.87
N GLU B 181 19.40 25.31 -3.47
CA GLU B 181 19.31 24.00 -2.79
C GLU B 181 20.20 23.91 -1.54
N MET B 182 21.38 24.48 -1.64
CA MET B 182 22.26 24.54 -0.47
C MET B 182 21.61 25.29 0.68
N GLU B 183 21.03 26.45 0.40
CA GLU B 183 20.35 27.22 1.45
C GLU B 183 19.20 26.43 2.09
N ARG B 184 18.41 25.76 1.28
CA ARG B 184 17.36 24.92 1.81
C ARG B 184 17.95 23.78 2.66
N ALA B 185 19.08 23.22 2.21
CA ALA B 185 19.71 22.12 2.93
C ALA B 185 20.15 22.53 4.36
N LEU B 186 20.50 23.81 4.52
CA LEU B 186 20.93 24.34 5.80
C LEU B 186 19.81 24.46 6.81
N LYS B 187 18.55 24.29 6.39
CA LYS B 187 17.45 24.16 7.37
C LYS B 187 17.42 22.80 8.06
N LEU B 188 18.08 21.81 7.48
CA LEU B 188 18.14 20.45 8.04
C LEU B 188 19.30 20.35 8.99
N SER B 189 19.33 19.29 9.79
CA SER B 189 20.36 19.08 10.82
C SER B 189 21.52 18.28 10.32
N SER B 190 21.34 17.47 9.31
CA SER B 190 22.39 16.57 8.90
C SER B 190 23.68 17.33 8.55
N ARG B 191 24.82 16.81 9.02
CA ARG B 191 26.12 17.39 8.65
C ARG B 191 26.67 16.96 7.29
N LEU B 192 26.10 15.91 6.69
CA LEU B 192 26.58 15.40 5.39
C LEU B 192 25.90 16.11 4.25
N LEU B 193 26.64 16.97 3.55
CA LEU B 193 26.14 17.69 2.38
C LEU B 193 26.89 17.25 1.15
N GLY B 194 26.15 16.79 0.17
CA GLY B 194 26.73 16.33 -1.05
C GLY B 194 26.62 17.45 -2.08
N VAL B 195 27.74 17.86 -2.64
CA VAL B 195 27.78 18.88 -3.66
C VAL B 195 28.01 18.16 -4.98
N ASN B 196 26.95 18.13 -5.76
CA ASN B 196 26.87 17.31 -6.96
C ASN B 196 27.15 18.10 -8.23
N ASN B 197 28.18 17.65 -8.95
CA ASN B 197 28.72 18.36 -10.11
C ASN B 197 27.96 18.13 -11.44
N ARG B 198 27.01 17.18 -11.44
CA ARG B 198 26.27 16.80 -12.65
C ARG B 198 24.97 17.59 -12.76
N ASN B 199 24.81 18.32 -13.86
CA ASN B 199 23.53 18.94 -14.20
C ASN B 199 22.52 17.83 -14.54
N LEU B 200 21.35 17.82 -13.89
CA LEU B 200 20.35 16.75 -14.13
C LEU B 200 19.46 17.01 -15.38
N ARG B 201 19.33 18.26 -15.80
CA ARG B 201 18.67 18.58 -17.06
C ARG B 201 19.56 18.24 -18.27
N SER B 202 20.82 18.68 -18.27
CA SER B 202 21.70 18.53 -19.44
C SER B 202 22.70 17.35 -19.36
N PHE B 203 22.90 16.80 -18.16
CA PHE B 203 23.95 15.78 -17.92
C PHE B 203 25.40 16.29 -18.07
N GLU B 204 25.61 17.60 -18.21
CA GLU B 204 26.97 18.17 -18.19
C GLU B 204 27.54 17.99 -16.77
N VAL B 205 28.81 17.58 -16.67
CA VAL B 205 29.50 17.41 -15.40
C VAL B 205 30.63 18.41 -15.32
N ASN B 206 30.71 19.18 -14.23
CA ASN B 206 31.80 20.15 -14.10
C ASN B 206 32.21 20.32 -12.64
N LEU B 207 33.47 19.98 -12.33
CA LEU B 207 33.99 20.04 -10.97
C LEU B 207 33.86 21.43 -10.36
N ALA B 208 33.78 22.46 -11.22
CA ALA B 208 33.68 23.86 -10.76
C ALA B 208 32.41 24.12 -9.93
N VAL B 209 31.39 23.27 -10.09
CA VAL B 209 30.16 23.43 -9.32
C VAL B 209 30.41 23.21 -7.81
N SER B 210 31.09 22.11 -7.48
CA SER B 210 31.37 21.85 -6.09
C SER B 210 32.32 22.90 -5.51
N GLU B 211 33.26 23.39 -6.31
CA GLU B 211 34.18 24.46 -5.85
C GLU B 211 33.44 25.73 -5.51
N ARG B 212 32.48 26.12 -6.34
CA ARG B 212 31.63 27.28 -6.12
C ARG B 212 30.72 27.10 -4.89
N LEU B 213 30.07 25.93 -4.76
CA LEU B 213 29.19 25.69 -3.61
C LEU B 213 29.96 25.61 -2.30
N ALA B 214 31.20 25.14 -2.34
CA ALA B 214 32.03 25.11 -1.16
C ALA B 214 32.23 26.50 -0.58
N LYS B 215 32.26 27.55 -1.43
CA LYS B 215 32.40 28.93 -0.93
C LYS B 215 31.23 29.43 -0.07
N MET B 216 30.12 28.70 -0.11
CA MET B 216 28.90 29.02 0.61
C MET B 216 28.65 28.14 1.85
N ALA B 217 29.28 26.97 1.91
CA ALA B 217 28.98 25.98 2.95
C ALA B 217 29.65 26.34 4.25
N PRO B 218 28.91 26.34 5.36
CA PRO B 218 29.57 26.65 6.63
C PRO B 218 30.42 25.49 7.08
N SER B 219 31.39 25.79 7.95
CA SER B 219 32.46 24.86 8.28
C SER B 219 31.99 23.68 9.11
N ASP B 220 30.86 23.79 9.81
CA ASP B 220 30.34 22.64 10.53
C ASP B 220 29.80 21.51 9.61
N ARG B 221 29.60 21.76 8.32
CA ARG B 221 29.06 20.71 7.42
C ARG B 221 30.22 19.97 6.76
N LEU B 222 30.06 18.67 6.55
CA LEU B 222 31.07 17.83 5.91
C LEU B 222 30.68 17.69 4.44
N LEU B 223 31.48 18.27 3.55
CA LEU B 223 31.14 18.33 2.13
C LEU B 223 31.59 17.11 1.43
N VAL B 224 30.69 16.53 0.65
CA VAL B 224 31.01 15.40 -0.16
C VAL B 224 30.96 15.80 -1.64
N GLY B 225 32.09 15.72 -2.32
CA GLY B 225 32.08 15.97 -3.76
C GLY B 225 31.56 14.76 -4.53
N GLU B 226 30.56 14.96 -5.37
CA GLU B 226 29.92 13.88 -6.15
C GLU B 226 29.93 14.18 -7.65
N SER B 227 30.37 13.18 -8.42
CA SER B 227 30.34 13.17 -9.88
C SER B 227 31.54 13.89 -10.45
N GLY B 228 32.09 13.32 -11.52
CA GLY B 228 33.10 13.97 -12.36
C GLY B 228 34.48 13.81 -11.77
N ILE B 229 34.63 12.92 -10.80
CA ILE B 229 35.90 12.73 -10.17
C ILE B 229 36.49 11.44 -10.74
N PHE B 230 37.60 11.56 -11.48
CA PHE B 230 38.22 10.41 -12.15
C PHE B 230 39.60 10.05 -11.60
N THR B 231 40.36 11.03 -11.10
CA THR B 231 41.75 10.80 -10.77
C THR B 231 42.10 11.33 -9.39
N HIS B 232 43.27 10.89 -8.91
CA HIS B 232 43.87 11.40 -7.66
C HIS B 232 44.10 12.87 -7.75
N GLU B 233 44.46 13.36 -8.93
CA GLU B 233 44.63 14.79 -9.14
C GLU B 233 43.30 15.54 -9.00
N ASP B 234 42.21 14.95 -9.46
CA ASP B 234 40.88 15.57 -9.27
C ASP B 234 40.63 15.78 -7.78
N CYS B 235 41.00 14.79 -6.99
CA CYS B 235 40.79 14.85 -5.54
C CYS B 235 41.62 15.95 -4.94
N LEU B 236 42.90 16.03 -5.33
CA LEU B 236 43.79 17.08 -4.84
C LEU B 236 43.25 18.45 -5.20
N ARG B 237 42.73 18.60 -6.42
CA ARG B 237 42.08 19.87 -6.79
C ARG B 237 40.90 20.20 -5.86
N LEU B 238 39.97 19.27 -5.68
CA LEU B 238 38.82 19.56 -4.80
C LEU B 238 39.26 19.81 -3.35
N GLU B 239 40.33 19.15 -2.92
CA GLU B 239 40.89 19.41 -1.58
C GLU B 239 41.27 20.88 -1.35
N LYS B 240 41.69 21.59 -2.39
CA LYS B 240 42.01 22.99 -2.26
C LYS B 240 40.80 23.85 -1.91
N SER B 241 39.59 23.35 -2.18
CA SER B 241 38.38 24.09 -1.80
C SER B 241 37.83 23.58 -0.49
N GLY B 242 38.59 22.74 0.22
CA GLY B 242 38.14 22.15 1.47
C GLY B 242 37.36 20.85 1.35
N ILE B 243 37.30 20.25 0.15
CA ILE B 243 36.56 18.99 -0.03
C ILE B 243 37.51 17.80 -0.03
N GLY B 244 37.42 16.98 1.04
CA GLY B 244 38.27 15.81 1.24
C GLY B 244 37.52 14.51 1.35
N THR B 245 36.21 14.56 1.05
CA THR B 245 35.32 13.40 1.06
C THR B 245 34.59 13.35 -0.26
N PHE B 246 34.54 12.16 -0.87
CA PHE B 246 34.05 12.00 -2.23
C PHE B 246 33.13 10.80 -2.39
N LEU B 247 32.20 10.88 -3.35
CA LEU B 247 31.36 9.76 -3.73
C LEU B 247 31.69 9.49 -5.16
N ILE B 248 32.21 8.29 -5.43
CA ILE B 248 32.69 7.94 -6.79
C ILE B 248 32.27 6.53 -7.14
N GLY B 249 31.80 6.38 -8.36
CA GLY B 249 31.34 5.10 -8.86
C GLY B 249 31.84 4.78 -10.27
N GLU B 250 31.39 5.53 -11.27
CA GLU B 250 31.68 5.27 -12.70
C GLU B 250 33.16 5.02 -13.02
N SER B 251 34.02 6.00 -12.72
CA SER B 251 35.46 5.87 -13.00
C SER B 251 36.03 4.59 -12.40
N LEU B 252 35.60 4.21 -11.21
CA LEU B 252 36.11 3.00 -10.57
C LEU B 252 35.45 1.75 -11.13
N MET B 253 34.13 1.79 -11.33
CA MET B 253 33.38 0.66 -11.87
C MET B 253 33.87 0.23 -13.26
N ARG B 254 34.27 1.22 -14.08
CA ARG B 254 34.77 1.03 -15.45
C ARG B 254 36.09 0.28 -15.48
N GLN B 255 36.76 0.13 -14.35
CA GLN B 255 38.08 -0.48 -14.38
C GLN B 255 38.00 -1.90 -13.85
N HIS B 256 38.84 -2.79 -14.40
CA HIS B 256 38.72 -4.25 -14.15
C HIS B 256 39.06 -4.56 -12.72
N ASP B 257 40.25 -4.12 -12.29
CA ASP B 257 40.73 -4.34 -10.91
C ASP B 257 40.35 -3.14 -10.04
N VAL B 258 39.20 -3.30 -9.39
CA VAL B 258 38.57 -2.22 -8.63
C VAL B 258 39.39 -1.84 -7.39
N ALA B 259 39.94 -2.84 -6.68
CA ALA B 259 40.79 -2.54 -5.51
C ALA B 259 42.01 -1.69 -5.88
N ALA B 260 42.63 -2.00 -7.01
CA ALA B 260 43.87 -1.31 -7.39
C ALA B 260 43.49 0.08 -7.87
N ALA B 261 42.39 0.17 -8.59
CA ALA B 261 41.94 1.47 -9.08
C ALA B 261 41.63 2.41 -7.92
N THR B 262 41.02 1.87 -6.87
CA THR B 262 40.62 2.63 -5.69
C THR B 262 41.83 3.14 -4.91
N ARG B 263 42.82 2.25 -4.70
CA ARG B 263 44.08 2.66 -4.04
C ARG B 263 44.75 3.81 -4.82
N ALA B 264 44.81 3.69 -6.16
CA ALA B 264 45.46 4.70 -7.00
C ALA B 264 44.76 6.05 -6.88
N LEU B 265 43.42 6.02 -6.92
CA LEU B 265 42.66 7.24 -6.79
C LEU B 265 42.86 7.92 -5.44
N LEU B 266 42.85 7.12 -4.38
CA LEU B 266 42.96 7.65 -3.03
C LEU B 266 44.38 8.10 -2.66
N THR B 267 45.39 7.36 -3.12
CA THR B 267 46.73 7.58 -2.63
C THR B 267 47.73 8.02 -3.69
N GLY B 268 47.42 7.77 -4.96
CA GLY B 268 48.26 8.20 -6.10
C GLY B 268 49.51 7.39 -6.39
C1 GOL C . -9.95 -0.38 4.09
O1 GOL C . -9.69 -1.30 5.17
C2 GOL C . -11.35 -0.53 3.45
O2 GOL C . -11.65 -1.85 3.00
C3 GOL C . -12.45 -0.11 4.41
O3 GOL C . -13.75 -0.23 3.77
C1 GOL D . 9.68 0.46 -3.16
O1 GOL D . 10.28 -0.76 -2.74
C2 GOL D . 10.75 1.46 -3.60
O2 GOL D . 11.45 2.05 -2.47
C3 GOL D . 11.69 0.78 -4.57
O3 GOL D . 12.73 1.72 -4.92
S SO4 E . 29.83 9.02 -10.53
O1 SO4 E . 31.18 9.00 -9.99
O2 SO4 E . 29.48 7.63 -10.96
O3 SO4 E . 28.92 9.47 -9.47
O4 SO4 E . 29.68 9.96 -11.64
O1 UNL F . 23.20 9.33 -15.10
O2 UNL F . 23.77 9.77 -13.15
C3 UNL F . 20.91 11.31 -11.65
C4 UNL F . 19.40 10.79 -13.30
C5 UNL F . 21.58 10.22 -13.79
C1 GOL G . 46.35 13.15 0.80
O1 GOL G . 45.48 12.77 1.88
C2 GOL G . 46.25 14.66 0.69
O2 GOL G . 46.12 15.25 1.99
C3 GOL G . 47.48 15.22 -0.02
O3 GOL G . 47.34 16.66 -0.20
#